data_5QUQ
#
_entry.id   5QUQ
#
_cell.length_a   40.027
_cell.length_b   61.607
_cell.length_c   86.790
_cell.angle_alpha   90.000
_cell.angle_beta   90.000
_cell.angle_gamma   90.000
#
_symmetry.space_group_name_H-M   'P 21 21 21'
#
loop_
_entity.id
_entity.type
_entity.pdbx_description
1 polymer RadA
2 non-polymer 'PHOSPHATE ION'
3 water water
#
_entity_poly.entity_id   1
_entity_poly.type   'polypeptide(L)'
_entity_poly.pdbx_seq_one_letter_code
;MATIGRISTGSKSLDKLLGGGIETQAITEVFGEFGSGKTQLAHTLAVMVQLPPEEGGLNGSVMWIDTENTFRPERIREIA
QNRGLDPDEVLKHIAYARAFNSNHQMLLVQQAEDMIKELLNTDRPVKLLIVDSLTSHFRSEYIGRGALAERQQKLAKHLA
DLHRLANLYDIAVFVTNQVQANGGHILAHSATLRVYLRKGKGGKRIARLIDAPHLPEGEAVFSITEKGIED
;
_entity_poly.pdbx_strand_id   A
#
loop_
_chem_comp.id
_chem_comp.type
_chem_comp.name
_chem_comp.formula
PO4 non-polymer 'PHOSPHATE ION' 'O4 P -3'
#
# COMPACT_ATOMS: atom_id res chain seq x y z
N ALA A 2 -15.72 11.35 8.96
CA ALA A 2 -14.86 10.52 9.79
C ALA A 2 -13.47 11.15 9.92
N THR A 3 -12.95 11.14 11.14
CA THR A 3 -11.59 11.58 11.39
C THR A 3 -10.60 10.62 10.72
N ILE A 4 -9.49 11.18 10.22
CA ILE A 4 -8.43 10.38 9.61
C ILE A 4 -7.80 9.47 10.64
N GLY A 5 -7.40 8.28 10.21
CA GLY A 5 -6.55 7.41 10.99
C GLY A 5 -5.15 7.38 10.41
N ARG A 6 -4.18 6.95 11.23
CA ARG A 6 -2.80 6.82 10.78
C ARG A 6 -2.28 5.43 11.10
N ILE A 7 -1.51 4.87 10.17
CA ILE A 7 -0.90 3.56 10.31
C ILE A 7 0.61 3.74 10.35
N SER A 8 1.24 3.24 11.41
CA SER A 8 2.69 3.24 11.44
C SER A 8 3.26 2.34 10.35
N THR A 9 4.36 2.78 9.76
CA THR A 9 5.10 1.99 8.78
C THR A 9 6.03 0.99 9.42
N GLY A 10 6.24 1.07 10.73
CA GLY A 10 7.27 0.32 11.41
C GLY A 10 8.54 1.11 11.66
N SER A 11 8.76 2.20 10.94
CA SER A 11 9.94 3.03 11.08
C SER A 11 9.55 4.37 11.66
N LYS A 12 10.17 4.75 12.79
CA LYS A 12 9.90 6.07 13.37
C LYS A 12 10.33 7.18 12.43
N SER A 13 11.43 6.98 11.71
CA SER A 13 11.92 7.96 10.76
C SER A 13 10.89 8.19 9.65
N LEU A 14 10.42 7.12 9.03
CA LEU A 14 9.44 7.25 7.96
C LEU A 14 8.11 7.77 8.49
N ASP A 15 7.70 7.34 9.68
CA ASP A 15 6.46 7.87 10.26
C ASP A 15 6.53 9.37 10.42
N LYS A 16 7.67 9.90 10.89
CA LYS A 16 7.80 11.34 11.05
C LYS A 16 7.73 12.06 9.71
N LEU A 17 8.40 11.52 8.70
CA LEU A 17 8.32 12.10 7.36
C LEU A 17 6.87 12.22 6.90
N LEU A 18 6.06 11.21 7.21
CA LEU A 18 4.67 11.13 6.76
C LEU A 18 3.71 11.92 7.64
N GLY A 19 4.20 12.58 8.69
CA GLY A 19 3.30 13.29 9.59
C GLY A 19 2.60 12.40 10.59
N GLY A 20 3.11 11.20 10.82
CA GLY A 20 2.55 10.31 11.82
C GLY A 20 2.26 8.90 11.33
N GLY A 21 2.43 8.64 10.05
CA GLY A 21 2.11 7.37 9.44
C GLY A 21 1.27 7.57 8.19
N ILE A 22 0.94 6.46 7.52
CA ILE A 22 0.12 6.58 6.32
C ILE A 22 -1.33 6.85 6.71
N GLU A 23 -2.00 7.69 5.94
CA GLU A 23 -3.32 8.20 6.31
C GLU A 23 -4.44 7.38 5.68
N THR A 24 -5.51 7.17 6.44
CA THR A 24 -6.75 6.77 5.80
C THR A 24 -7.34 7.96 5.04
N GLN A 25 -8.33 7.67 4.18
CA GLN A 25 -8.95 8.70 3.34
C GLN A 25 -7.91 9.35 2.42
N ALA A 26 -6.93 8.55 1.99
CA ALA A 26 -5.85 9.02 1.15
C ALA A 26 -5.28 7.84 0.37
N ILE A 27 -4.72 8.14 -0.79
CA ILE A 27 -3.87 7.22 -1.53
C ILE A 27 -2.43 7.67 -1.35
N THR A 28 -1.60 6.79 -0.81
CA THR A 28 -0.17 7.03 -0.71
C THR A 28 0.50 6.15 -1.75
N GLU A 29 1.26 6.77 -2.64
CA GLU A 29 2.01 6.06 -3.66
C GLU A 29 3.48 6.07 -3.28
N VAL A 30 4.09 4.88 -3.26
N VAL A 30 4.08 4.89 -3.23
CA VAL A 30 5.56 4.76 -3.14
CA VAL A 30 5.54 4.78 -3.15
C VAL A 30 6.10 4.37 -4.50
C VAL A 30 6.05 4.41 -4.53
N PHE A 31 7.12 5.09 -4.96
CA PHE A 31 7.67 4.85 -6.28
C PHE A 31 9.19 4.83 -6.18
N GLY A 32 9.80 4.06 -7.05
CA GLY A 32 11.25 3.92 -7.06
C GLY A 32 11.63 2.72 -7.92
N GLU A 33 12.94 2.54 -8.05
CA GLU A 33 13.44 1.48 -8.90
C GLU A 33 13.16 0.12 -8.31
N PHE A 34 13.27 -0.91 -9.16
CA PHE A 34 13.25 -2.28 -8.70
C PHE A 34 14.25 -2.44 -7.56
N GLY A 35 13.78 -3.06 -6.47
CA GLY A 35 14.61 -3.29 -5.30
C GLY A 35 14.63 -2.19 -4.27
N SER A 36 13.87 -1.12 -4.46
CA SER A 36 13.89 -0.01 -3.52
C SER A 36 13.17 -0.30 -2.21
N GLY A 37 12.41 -1.39 -2.14
CA GLY A 37 11.73 -1.77 -0.92
C GLY A 37 10.24 -1.52 -0.91
N LYS A 38 9.63 -1.22 -2.05
CA LYS A 38 8.21 -0.87 -2.07
C LYS A 38 7.36 -2.02 -1.54
N THR A 39 7.64 -3.24 -1.99
CA THR A 39 6.85 -4.38 -1.58
C THR A 39 7.11 -4.77 -0.13
N GLN A 40 8.35 -4.56 0.36
CA GLN A 40 8.62 -4.79 1.77
C GLN A 40 7.82 -3.85 2.65
N LEU A 41 7.71 -2.57 2.23
CA LEU A 41 6.89 -1.64 2.98
C LEU A 41 5.42 -2.04 2.95
N ALA A 42 4.94 -2.51 1.80
CA ALA A 42 3.55 -2.99 1.71
C ALA A 42 3.33 -4.16 2.66
N HIS A 43 4.24 -5.13 2.68
CA HIS A 43 4.11 -6.26 3.61
C HIS A 43 4.09 -5.77 5.05
N THR A 44 4.95 -4.82 5.40
CA THR A 44 5.00 -4.36 6.77
C THR A 44 3.71 -3.65 7.16
N LEU A 45 3.19 -2.79 6.28
CA LEU A 45 1.95 -2.09 6.56
C LEU A 45 0.79 -3.06 6.74
N ALA A 46 0.79 -4.16 5.98
CA ALA A 46 -0.28 -5.15 6.11
C ALA A 46 -0.29 -5.82 7.48
N VAL A 47 0.84 -5.82 8.17
CA VAL A 47 0.88 -6.27 9.57
C VAL A 47 0.58 -5.11 10.52
N MET A 48 1.22 -3.96 10.33
CA MET A 48 1.08 -2.86 11.29
C MET A 48 -0.37 -2.42 11.46
N VAL A 49 -1.14 -2.40 10.37
CA VAL A 49 -2.51 -1.91 10.45
C VAL A 49 -3.35 -2.76 11.40
N GLN A 50 -2.94 -4.01 11.62
CA GLN A 50 -3.70 -4.93 12.45
C GLN A 50 -3.44 -4.73 13.94
N LEU A 51 -2.42 -3.95 14.29
CA LEU A 51 -2.15 -3.62 15.68
C LEU A 51 -3.25 -2.72 16.25
N PRO A 52 -3.38 -2.66 17.57
CA PRO A 52 -4.30 -1.70 18.18
C PRO A 52 -3.78 -0.28 18.02
N PRO A 53 -4.64 0.73 18.18
CA PRO A 53 -4.23 2.11 17.88
C PRO A 53 -3.07 2.61 18.71
N GLU A 54 -2.98 2.24 20.00
CA GLU A 54 -1.88 2.73 20.81
C GLU A 54 -0.54 2.15 20.39
N GLU A 55 -0.53 1.13 19.52
CA GLU A 55 0.70 0.58 18.97
C GLU A 55 0.94 0.97 17.52
N GLY A 56 0.12 1.87 16.97
CA GLY A 56 0.32 2.36 15.62
C GLY A 56 -0.54 1.72 14.56
N GLY A 57 -1.48 0.86 14.93
CA GLY A 57 -2.41 0.27 13.98
C GLY A 57 -3.81 0.84 14.11
N LEU A 58 -4.73 0.19 13.41
CA LEU A 58 -6.13 0.60 13.40
C LEU A 58 -7.07 -0.56 13.69
N ASN A 59 -6.56 -1.64 14.29
CA ASN A 59 -7.37 -2.85 14.48
C ASN A 59 -8.03 -3.26 13.18
N GLY A 60 -7.29 -3.14 12.08
CA GLY A 60 -7.91 -3.25 10.77
C GLY A 60 -7.55 -4.50 10.01
N SER A 61 -8.39 -4.85 9.04
CA SER A 61 -8.14 -5.89 8.07
C SER A 61 -7.57 -5.25 6.79
N VAL A 62 -7.14 -6.12 5.88
CA VAL A 62 -6.38 -5.70 4.71
C VAL A 62 -6.98 -6.35 3.47
N MET A 63 -6.99 -5.60 2.37
CA MET A 63 -7.24 -6.16 1.06
C MET A 63 -6.02 -5.88 0.19
N TRP A 64 -5.57 -6.89 -0.53
CA TRP A 64 -4.31 -6.82 -1.28
C TRP A 64 -4.59 -7.26 -2.72
N ILE A 65 -4.28 -6.39 -3.67
CA ILE A 65 -4.37 -6.70 -5.09
C ILE A 65 -2.95 -6.75 -5.63
N ASP A 66 -2.55 -7.92 -6.11
CA ASP A 66 -1.18 -8.24 -6.49
C ASP A 66 -1.16 -8.42 -8.00
N THR A 67 -0.31 -7.65 -8.69
CA THR A 67 -0.22 -7.74 -10.14
C THR A 67 1.04 -8.46 -10.62
N GLU A 68 1.96 -8.79 -9.72
CA GLU A 68 3.27 -9.31 -10.08
C GLU A 68 3.62 -10.60 -9.35
N ASN A 69 2.67 -11.20 -8.63
CA ASN A 69 2.90 -12.43 -7.87
C ASN A 69 4.01 -12.25 -6.83
N THR A 70 4.04 -11.08 -6.20
CA THR A 70 5.09 -10.74 -5.24
C THR A 70 4.65 -10.81 -3.78
N PHE A 71 3.36 -11.01 -3.51
CA PHE A 71 2.93 -11.23 -2.14
C PHE A 71 3.50 -12.52 -1.61
N ARG A 72 4.02 -12.49 -0.38
CA ARG A 72 4.62 -13.66 0.25
C ARG A 72 3.97 -13.90 1.59
N PRO A 73 3.05 -14.87 1.69
CA PRO A 73 2.41 -15.13 2.99
C PRO A 73 3.39 -15.39 4.13
N GLU A 74 4.51 -16.07 3.87
CA GLU A 74 5.44 -16.33 4.96
C GLU A 74 6.17 -15.07 5.40
N ARG A 75 6.31 -14.07 4.52
CA ARG A 75 6.86 -12.80 4.97
C ARG A 75 5.92 -12.11 5.94
N ILE A 76 4.62 -12.12 5.64
CA ILE A 76 3.63 -11.63 6.58
C ILE A 76 3.77 -12.35 7.91
N ARG A 77 3.85 -13.68 7.88
CA ARG A 77 3.90 -14.45 9.11
C ARG A 77 5.16 -14.13 9.90
N GLU A 78 6.28 -13.94 9.20
CA GLU A 78 7.53 -13.60 9.87
C GLU A 78 7.44 -12.25 10.57
N ILE A 79 7.00 -11.23 9.83
CA ILE A 79 6.90 -9.89 10.40
C ILE A 79 5.97 -9.90 11.59
N ALA A 80 4.82 -10.56 11.45
CA ALA A 80 3.84 -10.64 12.53
C ALA A 80 4.45 -11.26 13.78
N GLN A 81 5.04 -12.46 13.63
CA GLN A 81 5.60 -13.15 14.78
C GLN A 81 6.67 -12.31 15.47
N ASN A 82 7.54 -11.69 14.68
CA ASN A 82 8.61 -10.91 15.28
C ASN A 82 8.14 -9.62 15.90
N ARG A 83 6.91 -9.19 15.63
CA ARG A 83 6.29 -8.07 16.31
C ARG A 83 5.33 -8.51 17.42
N GLY A 84 5.32 -9.79 17.75
CA GLY A 84 4.50 -10.28 18.85
C GLY A 84 3.08 -10.65 18.48
N LEU A 85 2.75 -10.70 17.20
CA LEU A 85 1.40 -11.03 16.76
C LEU A 85 1.35 -12.47 16.27
N ASP A 86 0.17 -13.06 16.35
CA ASP A 86 0.01 -14.43 15.86
C ASP A 86 0.11 -14.44 14.35
N PRO A 87 1.04 -15.20 13.78
CA PRO A 87 1.25 -15.12 12.32
C PRO A 87 0.05 -15.57 11.51
N ASP A 88 -0.68 -16.57 11.99
CA ASP A 88 -1.80 -17.11 11.24
C ASP A 88 -3.03 -16.21 11.33
N GLU A 89 -3.25 -15.58 12.48
CA GLU A 89 -4.33 -14.61 12.59
C GLU A 89 -4.07 -13.39 11.70
N VAL A 90 -2.82 -12.91 11.68
CA VAL A 90 -2.50 -11.76 10.84
C VAL A 90 -2.71 -12.11 9.37
N LEU A 91 -2.24 -13.28 8.94
CA LEU A 91 -2.41 -13.67 7.55
C LEU A 91 -3.88 -13.82 7.18
N LYS A 92 -4.69 -14.36 8.10
CA LYS A 92 -6.11 -14.59 7.83
C LYS A 92 -6.85 -13.29 7.56
N HIS A 93 -6.37 -12.18 8.10
CA HIS A 93 -7.03 -10.89 7.95
C HIS A 93 -6.59 -10.12 6.72
N ILE A 94 -5.90 -10.80 5.80
CA ILE A 94 -5.53 -10.22 4.52
C ILE A 94 -6.33 -10.94 3.44
N ALA A 95 -7.24 -10.22 2.79
CA ALA A 95 -7.91 -10.75 1.62
C ALA A 95 -7.02 -10.50 0.41
N TYR A 96 -6.74 -11.54 -0.35
CA TYR A 96 -5.71 -11.50 -1.38
C TYR A 96 -6.28 -11.84 -2.74
N ALA A 97 -5.94 -11.05 -3.75
CA ALA A 97 -6.37 -11.33 -5.12
C ALA A 97 -5.24 -10.99 -6.08
N ARG A 98 -5.04 -11.85 -7.06
CA ARG A 98 -4.12 -11.57 -8.16
C ARG A 98 -4.89 -10.95 -9.32
N ALA A 99 -4.40 -9.81 -9.81
CA ALA A 99 -4.98 -9.15 -10.97
C ALA A 99 -4.24 -9.63 -12.20
N PHE A 100 -5.00 -10.16 -13.18
CA PHE A 100 -4.44 -10.80 -14.36
C PHE A 100 -4.06 -9.79 -15.44
N ASN A 101 -4.76 -8.66 -15.48
CA ASN A 101 -4.50 -7.60 -16.45
C ASN A 101 -5.09 -6.33 -15.85
N SER A 102 -4.96 -5.21 -16.57
CA SER A 102 -5.40 -3.94 -16.00
C SER A 102 -6.92 -3.86 -15.88
N ASN A 103 -7.66 -4.50 -16.79
CA ASN A 103 -9.11 -4.46 -16.70
C ASN A 103 -9.61 -5.29 -15.53
N HIS A 104 -8.96 -6.42 -15.28
CA HIS A 104 -9.28 -7.22 -14.10
C HIS A 104 -8.92 -6.47 -12.83
N GLN A 105 -7.77 -5.81 -12.83
CA GLN A 105 -7.36 -4.98 -11.71
C GLN A 105 -8.42 -3.94 -11.36
N MET A 106 -8.99 -3.32 -12.40
CA MET A 106 -10.02 -2.30 -12.16
C MET A 106 -11.29 -2.92 -11.60
N LEU A 107 -11.69 -4.09 -12.12
CA LEU A 107 -12.85 -4.78 -11.59
C LEU A 107 -12.62 -5.19 -10.13
N LEU A 108 -11.42 -5.64 -9.80
CA LEU A 108 -11.12 -6.08 -8.44
C LEU A 108 -11.30 -4.95 -7.44
N VAL A 109 -10.98 -3.73 -7.83
CA VAL A 109 -11.20 -2.61 -6.92
C VAL A 109 -12.68 -2.38 -6.68
N GLN A 110 -13.49 -2.48 -7.73
CA GLN A 110 -14.93 -2.39 -7.56
C GLN A 110 -15.45 -3.56 -6.73
N GLN A 111 -14.89 -4.75 -6.97
CA GLN A 111 -15.28 -5.93 -6.20
C GLN A 111 -14.95 -5.79 -4.72
N ALA A 112 -13.84 -5.11 -4.41
CA ALA A 112 -13.41 -4.95 -3.01
C ALA A 112 -14.47 -4.27 -2.17
N GLU A 113 -15.29 -3.41 -2.78
CA GLU A 113 -16.31 -2.69 -2.02
C GLU A 113 -17.26 -3.65 -1.32
N ASP A 114 -17.51 -4.81 -1.91
CA ASP A 114 -18.43 -5.77 -1.29
C ASP A 114 -17.90 -6.23 0.06
N MET A 115 -16.63 -6.62 0.11
CA MET A 115 -16.07 -7.07 1.38
C MET A 115 -15.89 -5.91 2.35
N ILE A 116 -15.54 -4.73 1.83
CA ILE A 116 -15.43 -3.56 2.70
C ILE A 116 -16.76 -3.32 3.42
N LYS A 117 -17.86 -3.33 2.68
CA LYS A 117 -19.17 -3.14 3.30
C LYS A 117 -19.46 -4.25 4.31
N GLU A 118 -19.14 -5.50 3.93
CA GLU A 118 -19.37 -6.64 4.82
C GLU A 118 -18.70 -6.43 6.18
N LEU A 119 -17.46 -5.95 6.17
CA LEU A 119 -16.64 -5.89 7.38
C LEU A 119 -16.76 -4.56 8.12
N LEU A 120 -17.52 -3.60 7.59
CA LEU A 120 -17.43 -2.21 8.04
C LEU A 120 -17.76 -2.07 9.51
N ASN A 121 -18.71 -2.85 10.01
CA ASN A 121 -19.14 -2.76 11.40
C ASN A 121 -18.73 -3.96 12.24
N THR A 122 -17.76 -4.75 11.76
CA THR A 122 -17.12 -5.76 12.60
C THR A 122 -16.03 -5.10 13.42
N ASP A 123 -15.36 -5.88 14.28
CA ASP A 123 -14.28 -5.32 15.06
C ASP A 123 -12.98 -5.17 14.28
N ARG A 124 -12.93 -5.70 13.05
CA ARG A 124 -11.75 -5.57 12.19
C ARG A 124 -12.17 -5.13 10.80
N PRO A 125 -12.68 -3.91 10.65
CA PRO A 125 -13.03 -3.41 9.33
C PRO A 125 -11.78 -3.29 8.46
N VAL A 126 -11.99 -3.29 7.14
CA VAL A 126 -10.87 -3.02 6.24
C VAL A 126 -10.33 -1.63 6.52
N LYS A 127 -9.02 -1.55 6.75
CA LYS A 127 -8.39 -0.26 6.96
C LYS A 127 -7.23 0.00 6.01
N LEU A 128 -6.83 -0.99 5.21
CA LEU A 128 -5.71 -0.86 4.29
C LEU A 128 -6.05 -1.63 3.02
N LEU A 129 -5.90 -0.95 1.89
CA LEU A 129 -6.06 -1.58 0.57
C LEU A 129 -4.77 -1.33 -0.18
N ILE A 130 -4.07 -2.41 -0.54
CA ILE A 130 -2.79 -2.34 -1.22
C ILE A 130 -3.01 -2.70 -2.68
N VAL A 131 -2.43 -1.92 -3.59
CA VAL A 131 -2.32 -2.31 -5.00
C VAL A 131 -0.85 -2.30 -5.34
N ASP A 132 -0.31 -3.49 -5.60
CA ASP A 132 1.12 -3.70 -5.84
C ASP A 132 1.18 -4.66 -7.03
N SER A 133 1.44 -4.16 -8.25
CA SER A 133 1.84 -2.81 -8.61
C SER A 133 0.64 -2.07 -9.21
N LEU A 134 0.52 -0.78 -8.91
CA LEU A 134 -0.56 0.01 -9.51
C LEU A 134 -0.43 0.07 -11.03
N THR A 135 0.79 0.15 -11.54
CA THR A 135 1.02 0.58 -12.91
C THR A 135 1.52 -0.52 -13.85
N SER A 136 1.98 -1.66 -13.34
CA SER A 136 2.70 -2.61 -14.19
C SER A 136 1.85 -3.10 -15.38
N HIS A 137 0.59 -3.45 -15.14
CA HIS A 137 -0.26 -3.89 -16.24
C HIS A 137 -0.56 -2.76 -17.20
N PHE A 138 -0.79 -1.55 -16.68
CA PHE A 138 -1.05 -0.41 -17.54
C PHE A 138 0.15 -0.13 -18.44
N ARG A 139 1.36 -0.27 -17.90
CA ARG A 139 2.57 -0.03 -18.67
C ARG A 139 2.76 -1.08 -19.77
N SER A 140 2.43 -2.33 -19.47
CA SER A 140 2.61 -3.38 -20.47
C SER A 140 1.54 -3.31 -21.56
N GLU A 141 0.33 -2.88 -21.23
CA GLU A 141 -0.78 -2.94 -22.17
C GLU A 141 -0.95 -1.70 -23.03
N TYR A 142 -0.68 -0.52 -22.48
CA TYR A 142 -0.92 0.73 -23.17
C TYR A 142 0.45 1.29 -23.52
N ILE A 143 0.87 1.05 -24.77
CA ILE A 143 2.23 1.37 -25.21
C ILE A 143 2.16 1.85 -26.65
N GLY A 144 2.96 2.85 -26.97
CA GLY A 144 3.07 3.35 -28.33
C GLY A 144 2.27 4.61 -28.54
N ARG A 145 2.27 5.08 -29.80
CA ARG A 145 1.64 6.34 -30.11
C ARG A 145 0.17 6.33 -29.70
N GLY A 146 -0.25 7.36 -28.97
CA GLY A 146 -1.61 7.43 -28.45
C GLY A 146 -1.80 6.82 -27.09
N ALA A 147 -0.83 6.05 -26.60
CA ALA A 147 -1.03 5.34 -25.35
C ALA A 147 -0.93 6.25 -24.14
N LEU A 148 -0.18 7.35 -24.22
CA LEU A 148 -0.05 8.20 -23.05
C LEU A 148 -1.41 8.69 -22.59
N ALA A 149 -2.19 9.26 -23.50
CA ALA A 149 -3.50 9.79 -23.13
C ALA A 149 -4.43 8.69 -22.68
N GLU A 150 -4.43 7.56 -23.39
CA GLU A 150 -5.34 6.47 -23.05
C GLU A 150 -4.99 5.87 -21.71
N ARG A 151 -3.70 5.61 -21.47
CA ARG A 151 -3.27 5.00 -20.22
C ARG A 151 -3.55 5.93 -19.06
N GLN A 152 -3.26 7.24 -19.22
CA GLN A 152 -3.49 8.17 -18.13
C GLN A 152 -4.98 8.31 -17.81
N GLN A 153 -5.84 8.25 -18.83
CA GLN A 153 -7.28 8.34 -18.58
C GLN A 153 -7.79 7.12 -17.82
N LYS A 154 -7.35 5.92 -18.21
CA LYS A 154 -7.75 4.71 -17.50
C LYS A 154 -7.23 4.71 -16.08
N LEU A 155 -5.96 5.08 -15.90
CA LEU A 155 -5.40 5.18 -14.55
C LEU A 155 -6.16 6.19 -13.71
N ALA A 156 -6.55 7.32 -14.33
CA ALA A 156 -7.30 8.32 -13.58
C ALA A 156 -8.62 7.76 -13.07
N LYS A 157 -9.29 6.95 -13.88
CA LYS A 157 -10.54 6.33 -13.44
C LYS A 157 -10.29 5.32 -12.32
N HIS A 158 -9.25 4.51 -12.48
CA HIS A 158 -8.88 3.54 -11.45
C HIS A 158 -8.57 4.24 -10.13
N LEU A 159 -7.78 5.32 -10.20
CA LEU A 159 -7.45 6.08 -9.01
C LEU A 159 -8.68 6.77 -8.42
N ALA A 160 -9.61 7.25 -9.26
CA ALA A 160 -10.85 7.80 -8.75
C ALA A 160 -11.62 6.75 -7.96
N ASP A 161 -11.68 5.51 -8.47
CA ASP A 161 -12.35 4.44 -7.74
C ASP A 161 -11.68 4.20 -6.41
N LEU A 162 -10.34 4.21 -6.38
CA LEU A 162 -9.60 3.99 -5.14
C LEU A 162 -9.81 5.15 -4.16
N HIS A 163 -9.80 6.38 -4.67
CA HIS A 163 -10.06 7.54 -3.80
C HIS A 163 -11.43 7.42 -3.15
N ARG A 164 -12.44 7.00 -3.93
CA ARG A 164 -13.77 6.86 -3.38
C ARG A 164 -13.80 5.83 -2.25
N LEU A 165 -13.18 4.67 -2.44
CA LEU A 165 -13.17 3.69 -1.36
C LEU A 165 -12.46 4.25 -0.13
N ALA A 166 -11.31 4.88 -0.33
CA ALA A 166 -10.55 5.45 0.78
C ALA A 166 -11.41 6.44 1.56
N ASN A 167 -12.09 7.32 0.84
CA ASN A 167 -12.82 8.43 1.44
C ASN A 167 -14.16 8.00 2.01
N LEU A 168 -14.84 7.09 1.33
CA LEU A 168 -16.17 6.67 1.76
C LEU A 168 -16.10 5.73 2.97
N TYR A 169 -15.08 4.88 3.01
CA TYR A 169 -15.01 3.82 4.01
C TYR A 169 -13.87 3.99 5.00
N ASP A 170 -13.16 5.13 4.95
CA ASP A 170 -12.10 5.44 5.90
C ASP A 170 -10.99 4.39 5.86
N ILE A 171 -10.41 4.25 4.67
CA ILE A 171 -9.38 3.25 4.37
C ILE A 171 -8.14 3.99 3.89
N ALA A 172 -6.97 3.48 4.28
CA ALA A 172 -5.71 3.90 3.69
C ALA A 172 -5.47 3.06 2.45
N VAL A 173 -5.30 3.72 1.31
CA VAL A 173 -4.91 3.04 0.08
C VAL A 173 -3.43 3.26 -0.13
N PHE A 174 -2.70 2.17 -0.35
CA PHE A 174 -1.25 2.19 -0.48
C PHE A 174 -0.91 1.51 -1.80
N VAL A 175 -0.22 2.21 -2.69
CA VAL A 175 0.04 1.70 -4.02
C VAL A 175 1.52 1.83 -4.34
N THR A 176 2.01 0.94 -5.20
CA THR A 176 3.42 0.93 -5.59
C THR A 176 3.55 1.20 -7.08
N ASN A 177 4.67 1.80 -7.46
CA ASN A 177 4.90 2.16 -8.85
C ASN A 177 6.39 2.08 -9.12
N GLN A 178 6.79 1.19 -10.04
CA GLN A 178 8.20 1.04 -10.38
C GLN A 178 8.62 2.11 -11.38
N VAL A 179 9.63 2.90 -11.01
CA VAL A 179 10.09 4.04 -11.81
C VAL A 179 11.59 3.95 -11.93
N ILE A 186 7.58 13.21 -16.48
CA ILE A 186 6.65 14.29 -16.78
C ILE A 186 5.19 13.89 -16.60
N LEU A 187 4.94 12.60 -16.34
CA LEU A 187 3.57 12.12 -16.27
C LEU A 187 2.84 12.67 -15.05
N ALA A 188 1.55 12.96 -15.23
CA ALA A 188 0.73 13.41 -14.11
C ALA A 188 0.38 12.23 -13.21
N HIS A 189 0.15 12.54 -11.94
CA HIS A 189 -0.24 11.55 -10.95
C HIS A 189 -1.32 12.15 -10.07
N SER A 190 -2.19 11.29 -9.54
CA SER A 190 -3.31 11.77 -8.72
C SER A 190 -3.36 11.09 -7.34
N ALA A 191 -2.31 10.38 -6.95
CA ALA A 191 -2.22 9.94 -5.56
C ALA A 191 -2.27 11.16 -4.64
N THR A 192 -2.74 10.96 -3.41
CA THR A 192 -2.73 12.14 -2.55
C THR A 192 -1.33 12.50 -2.05
N LEU A 193 -0.46 11.50 -1.84
CA LEU A 193 0.90 11.74 -1.39
C LEU A 193 1.81 10.78 -2.12
N ARG A 194 2.95 11.26 -2.61
CA ARG A 194 3.91 10.44 -3.33
C ARG A 194 5.22 10.42 -2.58
N VAL A 195 5.74 9.20 -2.37
CA VAL A 195 6.97 8.98 -1.62
C VAL A 195 7.95 8.29 -2.54
N TYR A 196 9.09 8.94 -2.76
CA TYR A 196 10.17 8.38 -3.57
C TYR A 196 11.08 7.56 -2.66
N LEU A 197 11.30 6.31 -3.03
CA LEU A 197 12.12 5.38 -2.27
C LEU A 197 13.35 5.00 -3.09
N ARG A 198 14.50 4.91 -2.44
CA ARG A 198 15.71 4.49 -3.13
C ARG A 198 16.63 3.77 -2.16
N LYS A 199 17.58 3.02 -2.72
CA LYS A 199 18.61 2.38 -1.91
C LYS A 199 19.65 3.41 -1.45
N GLY A 200 20.10 3.25 -0.22
CA GLY A 200 21.21 4.03 0.29
C GLY A 200 22.36 3.15 0.74
N LYS A 201 23.31 3.76 1.43
CA LYS A 201 24.47 3.02 1.91
C LYS A 201 24.08 2.12 3.08
N GLY A 202 24.88 1.09 3.31
CA GLY A 202 24.66 0.20 4.43
C GLY A 202 23.36 -0.58 4.38
N GLY A 203 22.85 -0.84 3.18
CA GLY A 203 21.60 -1.56 3.04
C GLY A 203 20.36 -0.74 3.37
N LYS A 204 20.54 0.54 3.69
CA LYS A 204 19.41 1.35 4.08
C LYS A 204 18.57 1.73 2.87
N ARG A 205 17.32 2.07 3.15
CA ARG A 205 16.45 2.70 2.17
C ARG A 205 16.17 4.12 2.61
N ILE A 206 16.03 5.01 1.64
CA ILE A 206 15.84 6.44 1.88
C ILE A 206 14.54 6.84 1.23
N ALA A 207 13.72 7.59 1.96
CA ALA A 207 12.43 8.03 1.48
C ALA A 207 12.35 9.55 1.48
N ARG A 208 11.76 10.10 0.41
CA ARG A 208 11.57 11.53 0.28
C ARG A 208 10.15 11.79 -0.22
N LEU A 209 9.50 12.79 0.33
CA LEU A 209 8.21 13.21 -0.18
C LEU A 209 8.41 14.02 -1.46
N ILE A 210 7.53 13.78 -2.43
CA ILE A 210 7.62 14.42 -3.74
C ILE A 210 6.45 15.37 -3.89
N ASP A 211 6.74 16.62 -4.19
CA ASP A 211 5.74 17.66 -4.43
C ASP A 211 4.81 17.84 -3.23
N GLY A 218 13.08 17.03 3.91
CA GLY A 218 13.80 16.04 4.69
C GLY A 218 13.69 14.64 4.10
N GLU A 219 14.48 13.72 4.62
CA GLU A 219 14.43 12.35 4.16
C GLU A 219 14.45 11.42 5.35
N ALA A 220 13.68 10.35 5.25
CA ALA A 220 13.67 9.29 6.24
C ALA A 220 14.58 8.17 5.79
N VAL A 221 15.14 7.45 6.76
CA VAL A 221 16.06 6.36 6.49
C VAL A 221 15.60 5.15 7.30
N PHE A 222 15.57 3.98 6.66
CA PHE A 222 15.13 2.79 7.35
C PHE A 222 15.83 1.56 6.80
N SER A 223 15.74 0.47 7.55
CA SER A 223 16.28 -0.83 7.16
C SER A 223 15.14 -1.81 6.94
N ILE A 224 15.40 -2.84 6.13
CA ILE A 224 14.50 -3.97 5.95
C ILE A 224 15.01 -5.09 6.83
N THR A 225 14.20 -5.55 7.78
CA THR A 225 14.65 -6.48 8.81
C THR A 225 13.63 -7.60 8.96
N GLU A 226 13.90 -8.47 9.93
CA GLU A 226 12.95 -9.52 10.27
C GLU A 226 11.64 -8.96 10.82
N LYS A 227 11.60 -7.69 11.20
CA LYS A 227 10.37 -7.03 11.61
C LYS A 227 9.71 -6.26 10.48
N GLY A 228 10.15 -6.48 9.24
CA GLY A 228 9.61 -5.77 8.11
C GLY A 228 10.50 -4.60 7.76
N ILE A 229 10.14 -3.41 8.22
CA ILE A 229 11.05 -2.28 8.18
C ILE A 229 11.09 -1.64 9.57
N GLU A 230 12.23 -1.04 9.89
CA GLU A 230 12.41 -0.29 11.12
C GLU A 230 13.59 0.63 10.91
N ASP A 231 13.78 1.55 11.84
CA ASP A 231 14.89 2.50 11.75
C ASP A 231 16.25 1.80 11.61
P PO4 B . 10.64 -3.17 -4.87
O1 PO4 B . 10.61 -1.67 -4.75
O2 PO4 B . 9.27 -3.72 -4.53
O3 PO4 B . 11.65 -3.70 -3.87
O4 PO4 B . 11.03 -3.60 -6.26
#